data_8S6T
#
_entry.id   8S6T
#
_cell.length_a   74.779
_cell.length_b   74.779
_cell.length_c   392.355
_cell.angle_alpha   90.00
_cell.angle_beta   90.00
_cell.angle_gamma   120.00
#
_symmetry.space_group_name_H-M   'P 65 2 2'
#
loop_
_entity.id
_entity.type
_entity.pdbx_description
1 polymer '3F1 (VH-VH1)'
2 polymer '3F1 (VL-CL)'
3 polymer 'Mucin-1 subunit beta'
4 branched 'N-acetyl-alpha-neuraminic acid-(2-6)-2-acetamido-2-deoxy-alpha-D-galactopyranose'
5 water water
#
loop_
_entity_poly.entity_id
_entity_poly.type
_entity_poly.pdbx_seq_one_letter_code
_entity_poly.pdbx_strand_id
1 'polypeptide(L)'
;QVQLKQSDAELVKPGASVKISCKASGYTFTDHAIHWVKQKPEQGLDWIGYISPGNGDIKYNEKFKDKVTLTADKSSSTAS
MHLNSLTSEDSAVYFCKRSLLALDYWGQGTTLTVSSAKTTPPSVYPLAPGSAAQTNSMVTLGCLVKGYFPEPVTVTWNSG
SLSSGVHTFPAVLQSDLYTLSSSVTVPSSTWPSETVTCNVAHPASSTKVDKKIVP
;
A
2 'polypeptide(L)'
;DILMTQSHKFMSTSVGDRVSITCKASQDVGTNIAWYQQKPGRSPKVLIYSASTRHTGVPDRFTGSGSGTDFTLTISNVQS
EDLTDYFCQQYSSFPLTFGVGTKLELKRADAAPTVSIFPPSSEQLTSGGASVVCFLNNFYPKDINVKWKIDGSERQNGVL
NSWTDQDSKDSTYSMSSTLTLTKDEYERHNSYTCEATHKTSTSPIVKSFNR
;
B
3 'polypeptide(L)' PAPGSTAPPAHGV C
#
# COMPACT_ATOMS: atom_id res chain seq x y z
N GLN A 1 16.06 -21.19 -14.27
CA GLN A 1 16.15 -22.43 -13.46
C GLN A 1 16.06 -22.10 -11.97
N VAL A 2 16.81 -21.07 -11.53
CA VAL A 2 16.87 -20.69 -10.13
C VAL A 2 15.49 -20.22 -9.67
N GLN A 3 14.96 -20.82 -8.59
CA GLN A 3 13.68 -20.43 -8.02
C GLN A 3 13.79 -20.53 -6.50
N LEU A 4 13.34 -19.48 -5.79
CA LEU A 4 13.08 -19.55 -4.37
C LEU A 4 11.57 -19.44 -4.19
N LYS A 5 10.93 -20.50 -3.67
CA LYS A 5 9.49 -20.53 -3.53
C LYS A 5 9.09 -20.61 -2.06
N GLN A 6 8.27 -19.66 -1.61
CA GLN A 6 7.96 -19.53 -0.21
C GLN A 6 6.60 -20.15 0.07
N SER A 7 6.39 -20.48 1.35
CA SER A 7 5.13 -20.97 1.89
C SER A 7 4.08 -19.86 1.85
N ASP A 8 2.82 -20.26 2.08
CA ASP A 8 1.66 -19.40 1.91
C ASP A 8 1.49 -18.41 3.06
N ALA A 9 0.62 -17.43 2.83
CA ALA A 9 0.31 -16.38 3.78
C ALA A 9 -0.06 -17.00 5.14
N GLU A 10 0.38 -16.33 6.21
CA GLU A 10 0.07 -16.71 7.58
C GLU A 10 -0.72 -15.61 8.29
N LEU A 11 -1.64 -16.06 9.14
CA LEU A 11 -2.41 -15.20 10.01
C LEU A 11 -2.39 -15.80 11.41
N VAL A 12 -1.92 -15.04 12.39
CA VAL A 12 -1.65 -15.60 13.70
C VAL A 12 -1.97 -14.57 14.77
N LYS A 13 -2.13 -15.03 16.00
CA LYS A 13 -2.44 -14.16 17.13
C LYS A 13 -1.17 -13.60 17.76
N PRO A 14 -1.27 -12.48 18.51
CA PRO A 14 -0.16 -11.98 19.32
C PRO A 14 0.31 -13.06 20.29
N GLY A 15 1.63 -13.25 20.40
CA GLY A 15 2.17 -14.22 21.34
C GLY A 15 2.58 -15.52 20.65
N ALA A 16 2.00 -15.79 19.48
CA ALA A 16 2.28 -17.04 18.81
C ALA A 16 3.62 -16.97 18.09
N SER A 17 3.94 -18.07 17.44
CA SER A 17 5.06 -18.07 16.53
C SER A 17 4.64 -18.73 15.22
N VAL A 18 5.52 -18.66 14.24
CA VAL A 18 5.20 -19.12 12.91
C VAL A 18 6.47 -19.57 12.22
N LYS A 19 6.30 -20.39 11.19
CA LYS A 19 7.41 -20.89 10.41
C LYS A 19 7.10 -20.58 8.96
N ILE A 20 8.04 -19.86 8.35
CA ILE A 20 7.96 -19.47 6.96
C ILE A 20 9.13 -20.15 6.28
N SER A 21 8.84 -20.91 5.23
CA SER A 21 9.88 -21.71 4.63
C SER A 21 10.11 -21.29 3.17
N CYS A 22 11.29 -21.66 2.67
CA CYS A 22 11.81 -21.20 1.39
C CYS A 22 12.48 -22.36 0.64
N LYS A 23 11.78 -22.92 -0.35
CA LYS A 23 12.24 -24.05 -1.13
C LYS A 23 13.09 -23.57 -2.31
N ALA A 24 14.41 -23.80 -2.25
CA ALA A 24 15.32 -23.47 -3.34
C ALA A 24 15.32 -24.60 -4.35
N SER A 25 15.48 -24.27 -5.64
CA SER A 25 15.53 -25.25 -6.70
C SER A 25 16.33 -24.70 -7.89
N GLY A 26 16.88 -25.58 -8.73
CA GLY A 26 17.62 -25.20 -9.93
C GLY A 26 19.08 -24.81 -9.65
N TYR A 27 19.62 -25.12 -8.47
CA TYR A 27 21.02 -24.93 -8.17
C TYR A 27 21.38 -25.87 -7.01
N THR A 28 22.64 -25.91 -6.59
CA THR A 28 23.04 -26.76 -5.47
C THR A 28 22.87 -25.98 -4.17
N PHE A 29 21.99 -26.48 -3.29
CA PHE A 29 21.49 -25.74 -2.15
C PHE A 29 22.63 -25.18 -1.30
N THR A 30 23.77 -25.90 -1.24
CA THR A 30 24.86 -25.58 -0.32
C THR A 30 25.78 -24.50 -0.88
N ASP A 31 25.61 -24.15 -2.17
CA ASP A 31 26.46 -23.17 -2.83
C ASP A 31 26.21 -21.73 -2.34
N HIS A 32 25.06 -21.45 -1.70
CA HIS A 32 24.69 -20.08 -1.43
C HIS A 32 23.87 -19.96 -0.14
N ALA A 33 24.27 -19.00 0.70
CA ALA A 33 23.53 -18.65 1.91
C ALA A 33 22.19 -17.99 1.56
N ILE A 34 21.14 -18.35 2.32
CA ILE A 34 19.81 -17.79 2.16
C ILE A 34 19.61 -16.66 3.17
N HIS A 35 19.26 -15.45 2.67
CA HIS A 35 19.04 -14.27 3.50
C HIS A 35 17.53 -14.01 3.67
N TRP A 36 17.16 -13.38 4.79
CA TRP A 36 15.78 -13.05 5.09
C TRP A 36 15.61 -11.55 5.30
N VAL A 37 14.52 -11.00 4.72
CA VAL A 37 14.25 -9.57 4.69
C VAL A 37 12.77 -9.30 5.01
N LYS A 38 12.54 -8.22 5.75
CA LYS A 38 11.20 -7.84 6.22
C LYS A 38 10.82 -6.54 5.53
N GLN A 39 9.62 -6.51 4.93
CA GLN A 39 9.15 -5.30 4.28
C GLN A 39 7.77 -4.94 4.84
N LYS A 40 7.69 -3.79 5.51
CA LYS A 40 6.45 -3.36 6.15
C LYS A 40 5.94 -2.17 5.34
N PRO A 41 4.62 -2.05 5.10
CA PRO A 41 4.09 -0.96 4.25
C PRO A 41 4.62 0.41 4.63
N GLU A 42 5.14 1.13 3.61
CA GLU A 42 5.63 2.49 3.72
C GLU A 42 7.07 2.53 4.25
N GLN A 43 7.34 1.73 5.28
CA GLN A 43 8.64 1.73 5.93
C GLN A 43 9.62 0.89 5.11
N GLY A 44 10.89 0.93 5.51
CA GLY A 44 11.92 0.34 4.66
C GLY A 44 11.91 -1.18 4.73
N LEU A 45 12.94 -1.76 4.13
CA LEU A 45 13.28 -3.14 4.35
C LEU A 45 14.25 -3.26 5.53
N ASP A 46 14.09 -4.31 6.32
CA ASP A 46 15.04 -4.69 7.35
C ASP A 46 15.58 -6.05 7.00
N TRP A 47 16.91 -6.17 6.98
CA TRP A 47 17.57 -7.46 6.86
C TRP A 47 17.46 -8.18 8.21
N ILE A 48 17.08 -9.45 8.19
CA ILE A 48 16.84 -10.24 9.40
C ILE A 48 18.07 -11.08 9.76
N GLY A 49 18.60 -11.81 8.77
CA GLY A 49 19.74 -12.68 9.00
C GLY A 49 20.01 -13.53 7.76
N TYR A 50 20.91 -14.50 7.88
CA TYR A 50 21.12 -15.49 6.83
C TYR A 50 21.46 -16.82 7.47
N ILE A 51 21.30 -17.88 6.68
CA ILE A 51 21.80 -19.20 7.02
C ILE A 51 22.62 -19.67 5.82
N SER A 52 23.82 -20.21 6.11
CA SER A 52 24.73 -20.75 5.12
C SER A 52 24.63 -22.28 5.14
N PRO A 53 23.87 -22.93 4.23
CA PRO A 53 23.57 -24.36 4.34
C PRO A 53 24.78 -25.29 4.36
N GLY A 54 25.72 -25.07 3.43
CA GLY A 54 26.94 -25.86 3.36
C GLY A 54 28.08 -25.13 4.07
N ASN A 55 28.04 -25.15 5.40
CA ASN A 55 28.81 -24.25 6.25
C ASN A 55 28.23 -24.31 7.66
N GLY A 56 26.91 -24.14 7.76
CA GLY A 56 26.20 -24.10 9.04
C GLY A 56 26.32 -22.73 9.72
N ASP A 57 26.85 -21.73 8.99
CA ASP A 57 27.05 -20.39 9.53
C ASP A 57 25.70 -19.67 9.55
N ILE A 58 25.34 -19.14 10.72
CA ILE A 58 24.09 -18.41 10.91
C ILE A 58 24.42 -17.05 11.50
N LYS A 59 24.00 -15.97 10.83
CA LYS A 59 24.13 -14.64 11.37
C LYS A 59 22.73 -14.05 11.54
N TYR A 60 22.54 -13.30 12.64
CA TYR A 60 21.29 -12.62 12.89
C TYR A 60 21.56 -11.13 13.02
N ASN A 61 20.53 -10.34 12.71
CA ASN A 61 20.47 -8.95 13.11
C ASN A 61 20.02 -8.90 14.57
N GLU A 62 20.79 -8.17 15.40
CA GLU A 62 20.49 -8.02 16.83
C GLU A 62 19.11 -7.37 17.01
N LYS A 63 18.69 -6.59 16.02
CA LYS A 63 17.38 -5.94 16.07
C LYS A 63 16.31 -6.95 16.47
N PHE A 64 16.35 -8.18 15.94
CA PHE A 64 15.24 -9.10 16.18
C PHE A 64 15.65 -10.12 17.26
N LYS A 65 15.89 -9.63 18.49
CA LYS A 65 16.51 -10.40 19.56
C LYS A 65 15.61 -11.52 20.08
N ASP A 66 16.08 -12.76 19.94
CA ASP A 66 15.37 -13.94 20.43
C ASP A 66 14.01 -14.07 19.75
N LYS A 67 13.84 -13.34 18.64
CA LYS A 67 12.58 -13.28 17.90
C LYS A 67 12.61 -14.30 16.76
N VAL A 68 13.83 -14.68 16.32
CA VAL A 68 14.05 -15.35 15.05
C VAL A 68 14.98 -16.54 15.24
N THR A 69 14.63 -17.66 14.59
CA THR A 69 15.45 -18.86 14.51
C THR A 69 15.45 -19.41 13.09
N LEU A 70 16.61 -19.37 12.40
CA LEU A 70 16.72 -19.85 11.03
C LEU A 70 17.17 -21.31 10.97
N THR A 71 16.58 -22.10 10.08
CA THR A 71 16.95 -23.50 9.91
C THR A 71 17.11 -23.82 8.42
N ALA A 72 17.66 -25.01 8.15
CA ALA A 72 17.66 -25.59 6.81
C ALA A 72 17.62 -27.12 6.87
N ASP A 73 16.91 -27.71 5.91
CA ASP A 73 16.82 -29.15 5.71
C ASP A 73 17.36 -29.45 4.32
N LYS A 74 18.69 -29.64 4.23
CA LYS A 74 19.39 -29.98 3.00
C LYS A 74 18.63 -31.04 2.20
N SER A 75 17.87 -31.91 2.88
CA SER A 75 17.18 -33.02 2.22
C SER A 75 16.11 -32.51 1.25
N SER A 76 15.42 -31.42 1.59
CA SER A 76 14.36 -30.88 0.75
C SER A 76 14.75 -29.53 0.16
N SER A 77 16.02 -29.10 0.34
CA SER A 77 16.54 -27.85 -0.17
C SER A 77 15.78 -26.65 0.40
N THR A 78 15.39 -26.72 1.68
CA THR A 78 14.48 -25.73 2.24
C THR A 78 15.13 -25.01 3.43
N ALA A 79 15.16 -23.68 3.35
CA ALA A 79 15.51 -22.79 4.47
C ALA A 79 14.24 -22.22 5.11
N SER A 80 14.26 -22.09 6.43
CA SER A 80 13.09 -21.65 7.17
C SER A 80 13.48 -20.59 8.18
N MET A 81 12.47 -19.78 8.49
CA MET A 81 12.53 -18.69 9.46
C MET A 81 11.40 -18.93 10.45
N HIS A 82 11.77 -19.15 11.72
CA HIS A 82 10.81 -19.31 12.81
C HIS A 82 10.79 -18.02 13.61
N LEU A 83 9.59 -17.44 13.76
CA LEU A 83 9.48 -16.18 14.49
C LEU A 83 8.66 -16.48 15.72
N ASN A 84 8.99 -15.84 16.85
CA ASN A 84 8.29 -16.16 18.09
C ASN A 84 7.86 -14.86 18.74
N SER A 85 6.98 -15.00 19.74
CA SER A 85 6.55 -13.87 20.54
C SER A 85 6.03 -12.75 19.63
N LEU A 86 5.14 -13.08 18.69
CA LEU A 86 4.80 -12.12 17.66
C LEU A 86 3.88 -11.04 18.21
N THR A 87 4.01 -9.83 17.63
CA THR A 87 3.15 -8.70 17.90
C THR A 87 2.63 -8.18 16.56
N SER A 88 1.71 -7.23 16.60
CA SER A 88 1.16 -6.75 15.34
C SER A 88 2.21 -5.99 14.53
N GLU A 89 3.24 -5.46 15.19
CA GLU A 89 4.37 -4.87 14.50
C GLU A 89 5.16 -5.86 13.64
N ASP A 90 5.02 -7.16 13.89
CA ASP A 90 5.63 -8.17 13.02
C ASP A 90 4.84 -8.37 11.73
N SER A 91 3.63 -7.82 11.63
CA SER A 91 2.88 -7.96 10.38
C SER A 91 3.70 -7.31 9.28
N ALA A 92 3.94 -8.03 8.21
CA ALA A 92 4.81 -7.55 7.15
C ALA A 92 4.85 -8.60 6.06
N VAL A 93 5.52 -8.26 4.96
CA VAL A 93 5.87 -9.23 3.94
C VAL A 93 7.31 -9.63 4.20
N TYR A 94 7.55 -10.96 4.27
CA TYR A 94 8.87 -11.51 4.51
C TYR A 94 9.36 -12.23 3.25
N PHE A 95 10.61 -11.92 2.88
CA PHE A 95 11.24 -12.45 1.68
C PHE A 95 12.48 -13.24 2.06
N CYS A 96 12.68 -14.39 1.39
CA CYS A 96 14.00 -15.00 1.32
C CYS A 96 14.63 -14.58 0.00
N LYS A 97 15.96 -14.63 -0.06
CA LYS A 97 16.72 -14.25 -1.25
C LYS A 97 18.04 -15.03 -1.24
N ARG A 98 18.65 -15.19 -2.43
CA ARG A 98 19.84 -16.02 -2.59
C ARG A 98 21.08 -15.12 -2.50
N SER A 99 21.86 -15.26 -1.43
CA SER A 99 23.12 -14.54 -1.31
C SER A 99 22.91 -13.12 -0.80
N LEU A 100 23.99 -12.50 -0.32
CA LEU A 100 23.93 -11.17 0.27
C LEU A 100 23.63 -10.13 -0.81
N LEU A 101 24.09 -10.37 -2.05
CA LEU A 101 23.62 -9.60 -3.19
C LEU A 101 22.80 -10.58 -4.02
N ALA A 102 21.48 -10.40 -4.06
CA ALA A 102 20.57 -11.44 -4.51
C ALA A 102 20.30 -11.34 -6.01
N LEU A 103 20.49 -10.15 -6.57
CA LEU A 103 20.09 -9.89 -7.94
C LEU A 103 18.60 -10.21 -8.06
N ASP A 104 18.16 -10.93 -9.09
CA ASP A 104 16.74 -11.25 -9.24
C ASP A 104 16.34 -12.49 -8.45
N TYR A 105 17.23 -13.04 -7.62
CA TYR A 105 16.95 -14.31 -6.95
C TYR A 105 16.28 -14.04 -5.60
N TRP A 106 15.05 -13.55 -5.64
CA TRP A 106 14.25 -13.37 -4.44
C TRP A 106 13.11 -14.39 -4.49
N GLY A 107 12.62 -14.79 -3.32
CA GLY A 107 11.32 -15.42 -3.25
C GLY A 107 10.21 -14.44 -3.60
N GLN A 108 8.98 -14.99 -3.75
CA GLN A 108 7.77 -14.23 -4.07
C GLN A 108 7.27 -13.48 -2.83
N GLY A 109 7.73 -13.86 -1.64
CA GLY A 109 7.35 -13.21 -0.39
C GLY A 109 6.26 -13.99 0.35
N THR A 110 6.19 -13.78 1.67
CA THR A 110 5.14 -14.38 2.48
C THR A 110 4.55 -13.29 3.36
N THR A 111 3.23 -13.12 3.28
CA THR A 111 2.54 -12.16 4.10
C THR A 111 2.28 -12.79 5.46
N LEU A 112 2.72 -12.09 6.50
CA LEU A 112 2.35 -12.41 7.86
C LEU A 112 1.44 -11.31 8.41
N THR A 113 0.30 -11.71 8.96
CA THR A 113 -0.57 -10.82 9.68
C THR A 113 -0.68 -11.35 11.10
N VAL A 114 -0.52 -10.45 12.06
CA VAL A 114 -0.58 -10.78 13.46
C VAL A 114 -1.68 -9.94 14.07
N SER A 115 -2.72 -10.59 14.63
CA SER A 115 -3.89 -9.85 15.11
C SER A 115 -4.70 -10.72 16.05
N SER A 116 -5.39 -10.11 17.01
CA SER A 116 -6.33 -10.83 17.85
C SER A 116 -7.72 -10.83 17.24
N ALA A 117 -7.95 -10.17 16.10
CA ALA A 117 -9.27 -10.08 15.48
C ALA A 117 -9.73 -11.43 14.98
N LYS A 118 -11.04 -11.67 15.05
CA LYS A 118 -11.64 -12.85 14.46
C LYS A 118 -12.02 -12.57 13.00
N THR A 119 -12.03 -13.62 12.17
CA THR A 119 -12.56 -13.54 10.82
C THR A 119 -14.01 -13.08 10.89
N THR A 120 -14.32 -12.02 10.18
CA THR A 120 -15.59 -11.32 10.30
C THR A 120 -15.96 -10.79 8.92
N PRO A 121 -17.18 -11.05 8.43
CA PRO A 121 -17.60 -10.50 7.15
C PRO A 121 -17.92 -9.01 7.25
N PRO A 122 -17.83 -8.29 6.12
CA PRO A 122 -18.22 -6.87 6.09
C PRO A 122 -19.71 -6.65 6.28
N SER A 123 -20.03 -5.56 6.98
CA SER A 123 -21.35 -4.94 6.91
C SER A 123 -21.29 -3.83 5.89
N VAL A 124 -22.26 -3.79 4.99
CA VAL A 124 -22.18 -2.87 3.89
C VAL A 124 -23.32 -1.84 3.96
N TYR A 125 -22.96 -0.56 4.06
CA TYR A 125 -23.98 0.50 4.14
C TYR A 125 -23.98 1.33 2.86
N PRO A 126 -25.19 1.63 2.35
CA PRO A 126 -25.33 2.40 1.11
C PRO A 126 -25.08 3.88 1.32
N LEU A 127 -24.41 4.52 0.36
CA LEU A 127 -24.24 5.97 0.35
C LEU A 127 -24.99 6.54 -0.85
N ALA A 128 -26.06 7.28 -0.57
CA ALA A 128 -26.90 7.86 -1.61
C ALA A 128 -27.13 9.32 -1.25
N PRO A 129 -27.38 10.20 -2.23
CA PRO A 129 -27.71 11.58 -1.90
C PRO A 129 -29.16 11.59 -1.45
N GLY A 130 -29.50 12.51 -0.56
CA GLY A 130 -30.88 12.94 -0.42
C GLY A 130 -31.21 13.98 -1.50
N SER A 131 -32.42 14.56 -1.44
CA SER A 131 -32.80 15.55 -2.45
C SER A 131 -31.84 16.73 -2.41
N ALA A 132 -31.52 17.21 -3.60
CA ALA A 132 -30.66 18.36 -3.73
C ALA A 132 -31.57 19.57 -3.98
N ALA A 133 -30.97 20.76 -4.00
CA ALA A 133 -31.66 21.99 -4.33
C ALA A 133 -31.64 22.31 -5.83
N GLN A 134 -30.65 21.82 -6.58
CA GLN A 134 -30.55 22.09 -8.02
C GLN A 134 -30.43 20.79 -8.81
N THR A 135 -30.53 20.91 -10.13
CA THR A 135 -30.54 19.73 -10.98
C THR A 135 -29.11 19.52 -11.44
N ASN A 136 -28.62 18.28 -11.20
CA ASN A 136 -27.25 17.84 -11.49
C ASN A 136 -27.34 16.75 -12.56
N SER A 137 -26.59 16.85 -13.67
CA SER A 137 -26.63 15.87 -14.75
C SER A 137 -25.88 14.58 -14.35
N MET A 138 -25.10 14.64 -13.26
CA MET A 138 -24.30 13.54 -12.74
C MET A 138 -24.70 13.30 -11.29
N VAL A 139 -24.45 12.08 -10.79
CA VAL A 139 -24.74 11.72 -9.42
C VAL A 139 -23.69 10.69 -8.99
N THR A 140 -23.28 10.79 -7.74
CA THR A 140 -22.29 9.92 -7.16
C THR A 140 -23.02 9.13 -6.09
N LEU A 141 -22.74 7.82 -6.08
CA LEU A 141 -23.22 6.91 -5.06
C LEU A 141 -22.02 6.23 -4.42
N GLY A 142 -22.26 5.53 -3.32
CA GLY A 142 -21.18 4.73 -2.74
C GLY A 142 -21.64 3.63 -1.78
N CYS A 143 -20.61 2.88 -1.35
CA CYS A 143 -20.73 1.80 -0.38
C CYS A 143 -19.68 1.97 0.70
N LEU A 144 -20.14 1.86 1.94
CA LEU A 144 -19.25 1.84 3.07
C LEU A 144 -19.16 0.38 3.55
N VAL A 145 -17.97 -0.19 3.45
CA VAL A 145 -17.75 -1.61 3.69
C VAL A 145 -17.00 -1.67 5.02
N LYS A 146 -17.75 -2.01 6.07
CA LYS A 146 -17.31 -1.80 7.43
C LYS A 146 -17.16 -3.09 8.22
N GLY A 147 -16.05 -3.16 8.94
CA GLY A 147 -15.86 -4.02 10.08
C GLY A 147 -15.53 -5.45 9.66
N TYR A 148 -14.72 -5.64 8.62
CA TYR A 148 -14.35 -6.97 8.21
C TYR A 148 -12.92 -7.33 8.62
N PHE A 149 -12.67 -8.65 8.60
CA PHE A 149 -11.32 -9.11 8.88
C PHE A 149 -11.19 -10.54 8.38
N PRO A 150 -10.06 -10.99 7.77
CA PRO A 150 -8.91 -10.16 7.43
C PRO A 150 -9.06 -9.49 6.07
N GLU A 151 -8.02 -8.78 5.63
CA GLU A 151 -7.96 -8.40 4.21
C GLU A 151 -7.82 -9.64 3.35
N PRO A 152 -8.17 -9.62 2.04
CA PRO A 152 -8.76 -8.47 1.35
C PRO A 152 -10.28 -8.61 1.18
N VAL A 153 -10.85 -7.56 0.60
CA VAL A 153 -12.16 -7.59 0.01
C VAL A 153 -11.99 -7.08 -1.42
N THR A 154 -12.83 -7.50 -2.36
CA THR A 154 -12.93 -6.81 -3.64
C THR A 154 -14.31 -6.18 -3.79
N VAL A 155 -14.35 -5.05 -4.52
CA VAL A 155 -15.58 -4.31 -4.78
C VAL A 155 -15.74 -4.11 -6.27
N THR A 156 -16.92 -4.44 -6.80
CA THR A 156 -17.29 -4.00 -8.12
C THR A 156 -18.65 -3.31 -8.04
N TRP A 157 -19.08 -2.73 -9.16
CA TRP A 157 -20.38 -2.08 -9.26
C TRP A 157 -21.11 -2.66 -10.46
N ASN A 158 -22.37 -3.06 -10.27
CA ASN A 158 -23.13 -3.77 -11.31
C ASN A 158 -22.27 -4.84 -11.98
N SER A 159 -21.61 -5.65 -11.14
CA SER A 159 -20.85 -6.83 -11.52
C SER A 159 -19.70 -6.49 -12.47
N GLY A 160 -19.12 -5.29 -12.32
CA GLY A 160 -18.03 -4.86 -13.18
C GLY A 160 -18.52 -4.12 -14.41
N SER A 161 -19.78 -4.37 -14.81
CA SER A 161 -20.32 -3.76 -16.02
C SER A 161 -20.19 -2.25 -15.90
N LEU A 162 -19.98 -1.77 -14.67
CA LEU A 162 -19.76 -0.36 -14.39
C LEU A 162 -18.40 -0.15 -13.76
N SER A 163 -17.46 0.47 -14.48
CA SER A 163 -16.08 0.52 -14.02
C SER A 163 -15.42 1.88 -14.25
N SER A 164 -15.80 2.60 -15.29
CA SER A 164 -15.29 3.97 -15.39
C SER A 164 -15.99 4.82 -14.32
N GLY A 165 -15.31 5.72 -13.65
CA GLY A 165 -16.02 6.51 -12.65
C GLY A 165 -16.17 5.83 -11.29
N VAL A 166 -15.54 4.66 -11.09
CA VAL A 166 -15.44 3.99 -9.79
C VAL A 166 -14.13 4.36 -9.11
N HIS A 167 -14.22 4.66 -7.82
CA HIS A 167 -13.02 4.77 -7.00
C HIS A 167 -13.23 3.89 -5.77
N THR A 168 -12.37 2.88 -5.58
CA THR A 168 -12.33 2.09 -4.35
C THR A 168 -11.04 2.38 -3.61
N PHE A 169 -11.14 2.67 -2.31
CA PHE A 169 -10.03 3.15 -1.51
C PHE A 169 -9.46 2.01 -0.67
N PRO A 170 -8.16 2.08 -0.37
CA PRO A 170 -7.54 1.20 0.62
C PRO A 170 -8.25 1.28 1.96
N ALA A 171 -8.35 0.11 2.60
CA ALA A 171 -8.98 0.00 3.90
C ALA A 171 -8.16 0.72 4.95
N VAL A 172 -8.85 1.09 6.02
CA VAL A 172 -8.22 1.58 7.22
C VAL A 172 -8.69 0.69 8.34
N LEU A 173 -7.95 0.76 9.45
CA LEU A 173 -8.27 0.03 10.66
C LEU A 173 -9.13 0.94 11.53
N GLN A 174 -10.23 0.38 12.02
CA GLN A 174 -11.26 1.08 12.78
C GLN A 174 -11.81 0.05 13.76
N SER A 175 -11.45 0.18 15.04
CA SER A 175 -11.83 -0.75 16.09
C SER A 175 -11.35 -2.16 15.81
N ASP A 176 -10.10 -2.31 15.34
CA ASP A 176 -9.43 -3.59 15.17
C ASP A 176 -9.96 -4.40 13.98
N LEU A 177 -10.80 -3.74 13.18
CA LEU A 177 -11.34 -4.33 11.98
C LEU A 177 -11.11 -3.35 10.83
N TYR A 178 -11.25 -3.79 9.59
CA TYR A 178 -11.04 -2.96 8.43
C TYR A 178 -12.34 -2.27 7.97
N THR A 179 -12.20 -1.04 7.49
CA THR A 179 -13.28 -0.32 6.81
C THR A 179 -12.75 0.24 5.49
N LEU A 180 -13.51 0.06 4.43
CA LEU A 180 -13.19 0.80 3.23
C LEU A 180 -14.45 1.43 2.62
N SER A 181 -14.22 2.40 1.73
CA SER A 181 -15.30 3.01 0.98
C SER A 181 -15.03 2.87 -0.52
N SER A 182 -16.11 2.87 -1.31
CA SER A 182 -16.09 2.93 -2.77
C SER A 182 -17.16 3.90 -3.27
N SER A 183 -16.82 4.74 -4.25
CA SER A 183 -17.74 5.63 -4.94
C SER A 183 -17.87 5.23 -6.41
N VAL A 184 -19.05 5.53 -6.96
CA VAL A 184 -19.26 5.51 -8.40
C VAL A 184 -20.03 6.77 -8.82
N THR A 185 -19.59 7.38 -9.93
CA THR A 185 -20.21 8.58 -10.49
C THR A 185 -20.80 8.23 -11.86
N VAL A 186 -22.10 8.46 -12.01
CA VAL A 186 -22.82 8.05 -13.21
C VAL A 186 -23.74 9.22 -13.62
N PRO A 187 -24.25 9.26 -14.87
CA PRO A 187 -25.26 10.23 -15.28
C PRO A 187 -26.52 10.06 -14.45
N SER A 188 -27.11 11.19 -14.08
CA SER A 188 -28.32 11.21 -13.28
C SER A 188 -29.49 10.61 -14.03
N SER A 189 -29.40 10.59 -15.37
CA SER A 189 -30.42 9.94 -16.18
C SER A 189 -30.42 8.41 -16.01
N THR A 190 -29.35 7.85 -15.44
CA THR A 190 -29.27 6.40 -15.30
C THR A 190 -29.54 5.94 -13.87
N TRP A 191 -29.62 6.85 -12.89
CA TRP A 191 -29.97 6.44 -11.54
C TRP A 191 -30.79 7.54 -10.91
N PRO A 192 -31.90 7.26 -10.18
CA PRO A 192 -32.33 5.90 -9.86
C PRO A 192 -33.19 5.14 -10.87
N SER A 193 -33.26 5.61 -12.11
CA SER A 193 -34.10 4.92 -13.08
C SER A 193 -33.56 3.53 -13.36
N GLU A 194 -32.24 3.31 -13.25
CA GLU A 194 -31.69 1.97 -13.42
C GLU A 194 -31.00 1.56 -12.12
N THR A 195 -30.90 0.25 -11.90
CA THR A 195 -30.45 -0.23 -10.59
C THR A 195 -28.93 -0.10 -10.51
N VAL A 196 -28.43 0.34 -9.36
CA VAL A 196 -27.00 0.37 -9.11
C VAL A 196 -26.74 -0.39 -7.80
N THR A 197 -25.82 -1.37 -7.88
CA THR A 197 -25.50 -2.30 -6.80
C THR A 197 -23.98 -2.35 -6.61
N CYS A 198 -23.53 -2.24 -5.36
CA CYS A 198 -22.13 -2.53 -5.10
C CYS A 198 -22.01 -3.99 -4.66
N ASN A 199 -21.05 -4.68 -5.29
CA ASN A 199 -20.79 -6.09 -5.08
C ASN A 199 -19.50 -6.23 -4.27
N VAL A 200 -19.62 -6.80 -3.07
CA VAL A 200 -18.50 -6.88 -2.17
C VAL A 200 -18.23 -8.37 -1.94
N ALA A 201 -16.98 -8.79 -2.17
CA ALA A 201 -16.60 -10.17 -1.90
C ALA A 201 -15.54 -10.19 -0.80
N HIS A 202 -15.73 -11.05 0.21
CA HIS A 202 -14.75 -11.23 1.26
C HIS A 202 -14.38 -12.72 1.31
N PRO A 203 -13.30 -13.14 0.59
CA PRO A 203 -12.98 -14.58 0.45
C PRO A 203 -12.82 -15.35 1.78
N ALA A 204 -12.16 -14.74 2.75
CA ALA A 204 -11.91 -15.41 4.02
C ALA A 204 -13.18 -15.94 4.70
N SER A 205 -14.31 -15.20 4.60
CA SER A 205 -15.57 -15.63 5.19
C SER A 205 -16.48 -16.28 4.17
N SER A 206 -16.01 -16.44 2.91
CA SER A 206 -16.81 -16.96 1.79
C SER A 206 -18.08 -16.14 1.58
N THR A 207 -17.93 -14.81 1.75
CA THR A 207 -19.11 -13.96 1.76
C THR A 207 -19.17 -13.08 0.50
N LYS A 208 -20.39 -12.89 -0.01
CA LYS A 208 -20.65 -11.90 -1.03
C LYS A 208 -21.78 -11.00 -0.54
N VAL A 209 -21.62 -9.67 -0.70
CA VAL A 209 -22.69 -8.75 -0.36
C VAL A 209 -23.01 -7.96 -1.62
N ASP A 210 -24.29 -7.98 -1.98
CA ASP A 210 -24.78 -7.23 -3.12
C ASP A 210 -25.72 -6.15 -2.60
N LYS A 211 -25.21 -4.93 -2.37
CA LYS A 211 -26.06 -3.92 -1.79
C LYS A 211 -26.60 -2.95 -2.86
N LYS A 212 -27.90 -3.00 -3.10
CA LYS A 212 -28.56 -2.10 -4.03
C LYS A 212 -28.64 -0.72 -3.40
N ILE A 213 -28.28 0.31 -4.17
CA ILE A 213 -28.40 1.71 -3.74
C ILE A 213 -29.75 2.26 -4.21
N VAL A 214 -30.60 2.55 -3.22
CA VAL A 214 -31.94 3.02 -3.49
C VAL A 214 -32.03 4.45 -2.97
N PRO A 215 -32.88 5.28 -3.62
CA PRO A 215 -33.00 6.68 -3.27
C PRO A 215 -33.66 6.83 -1.91
N ASP B 1 25.07 0.62 12.81
CA ASP B 1 24.57 0.11 11.49
C ASP B 1 24.76 1.19 10.42
N ILE B 2 24.92 0.80 9.16
CA ILE B 2 25.06 1.75 8.06
C ILE B 2 23.68 2.23 7.60
N LEU B 3 23.48 3.55 7.62
CA LEU B 3 22.19 4.14 7.29
C LEU B 3 22.22 4.61 5.84
N MET B 4 21.19 4.23 5.06
CA MET B 4 21.02 4.62 3.67
C MET B 4 19.86 5.61 3.55
N THR B 5 20.17 6.88 3.28
CA THR B 5 19.16 7.92 3.14
C THR B 5 18.89 8.16 1.66
N GLN B 6 17.67 7.85 1.21
CA GLN B 6 17.29 8.17 -0.16
C GLN B 6 16.66 9.56 -0.20
N SER B 7 17.07 10.35 -1.19
CA SER B 7 16.73 11.75 -1.19
C SER B 7 15.24 11.92 -0.93
N HIS B 8 14.42 11.48 -1.90
CA HIS B 8 13.03 11.89 -1.97
C HIS B 8 12.14 10.65 -2.08
N LYS B 9 11.05 10.65 -1.30
CA LYS B 9 10.04 9.61 -1.31
C LYS B 9 9.23 9.64 -2.62
N PHE B 10 9.04 10.83 -3.20
CA PHE B 10 8.23 10.97 -4.40
C PHE B 10 8.96 11.85 -5.40
N MET B 11 9.04 11.42 -6.67
CA MET B 11 9.47 12.36 -7.68
C MET B 11 8.49 12.29 -8.84
N SER B 12 8.36 13.43 -9.52
CA SER B 12 7.47 13.57 -10.67
C SER B 12 8.31 13.69 -11.92
N THR B 13 7.91 13.03 -13.00
CA THR B 13 8.61 13.16 -14.25
C THR B 13 7.59 13.04 -15.37
N SER B 14 8.09 13.20 -16.61
CA SER B 14 7.32 13.00 -17.82
C SER B 14 7.97 11.88 -18.64
N VAL B 15 7.13 11.14 -19.37
CA VAL B 15 7.58 10.16 -20.34
C VAL B 15 8.57 10.85 -21.26
N GLY B 16 9.75 10.24 -21.44
CA GLY B 16 10.78 10.76 -22.33
C GLY B 16 11.83 11.58 -21.59
N ASP B 17 11.54 11.98 -20.34
CA ASP B 17 12.47 12.79 -19.57
C ASP B 17 13.52 11.93 -18.88
N ARG B 18 14.49 12.61 -18.26
CA ARG B 18 15.49 11.97 -17.43
C ARG B 18 15.22 12.36 -15.99
N VAL B 19 15.40 11.42 -15.08
CA VAL B 19 15.26 11.68 -13.66
C VAL B 19 16.36 10.90 -12.95
N SER B 20 16.83 11.44 -11.83
CA SER B 20 17.86 10.80 -11.05
C SER B 20 17.41 10.67 -9.60
N ILE B 21 17.71 9.54 -8.98
CA ILE B 21 17.38 9.23 -7.60
C ILE B 21 18.68 9.09 -6.82
N THR B 22 18.84 9.86 -5.73
CA THR B 22 20.07 9.77 -4.95
C THR B 22 19.87 8.89 -3.72
N CYS B 23 21.01 8.39 -3.26
CA CYS B 23 21.10 7.61 -2.05
C CYS B 23 22.45 7.87 -1.35
N LYS B 24 22.37 8.28 -0.08
CA LYS B 24 23.55 8.64 0.69
C LYS B 24 23.78 7.59 1.77
N ALA B 25 25.01 7.07 1.85
CA ALA B 25 25.39 6.14 2.90
C ALA B 25 26.05 6.90 4.06
N SER B 26 25.73 6.49 5.30
CA SER B 26 26.19 7.18 6.49
C SER B 26 27.69 6.95 6.71
N GLN B 27 28.29 6.09 5.88
CA GLN B 27 29.74 5.93 5.87
C GLN B 27 30.17 5.20 4.61
N ASP B 28 31.48 5.26 4.33
CA ASP B 28 32.04 4.77 3.08
C ASP B 28 31.71 3.29 2.93
N VAL B 29 31.13 2.92 1.78
CA VAL B 29 30.90 1.51 1.44
C VAL B 29 31.58 1.21 0.11
N GLY B 30 32.54 2.08 -0.27
CA GLY B 30 33.15 2.03 -1.59
C GLY B 30 32.08 2.08 -2.69
N THR B 31 31.92 0.95 -3.39
CA THR B 31 30.91 0.82 -4.43
C THR B 31 30.10 -0.47 -4.22
N ASN B 32 29.93 -0.83 -2.94
CA ASN B 32 29.21 -2.04 -2.53
C ASN B 32 27.71 -1.76 -2.49
N ILE B 33 27.14 -1.32 -3.63
CA ILE B 33 25.83 -0.70 -3.71
C ILE B 33 25.05 -1.36 -4.84
N ALA B 34 23.74 -1.51 -4.61
CA ALA B 34 22.83 -2.07 -5.59
C ALA B 34 21.56 -1.21 -5.61
N TRP B 35 20.98 -1.10 -6.81
CA TRP B 35 19.72 -0.40 -7.02
C TRP B 35 18.69 -1.41 -7.50
N TYR B 36 17.52 -1.40 -6.85
CA TYR B 36 16.43 -2.33 -7.12
C TYR B 36 15.18 -1.56 -7.55
N GLN B 37 14.41 -2.15 -8.48
CA GLN B 37 13.07 -1.71 -8.82
C GLN B 37 12.10 -2.65 -8.13
N GLN B 38 10.93 -2.15 -7.72
CA GLN B 38 9.94 -3.01 -7.10
C GLN B 38 8.54 -2.49 -7.39
N LYS B 39 7.75 -3.30 -8.10
CA LYS B 39 6.38 -2.96 -8.45
C LYS B 39 5.43 -3.53 -7.40
N PRO B 40 4.24 -2.92 -7.21
CA PRO B 40 3.33 -3.32 -6.14
C PRO B 40 2.98 -4.79 -6.32
N GLY B 41 3.09 -5.53 -5.21
CA GLY B 41 2.74 -6.93 -5.18
C GLY B 41 3.97 -7.82 -5.42
N ARG B 42 4.94 -7.31 -6.19
CA ARG B 42 5.97 -8.14 -6.79
C ARG B 42 7.22 -8.13 -5.91
N SER B 43 8.18 -8.97 -6.29
CA SER B 43 9.45 -9.06 -5.57
C SER B 43 10.44 -8.11 -6.24
N PRO B 44 11.50 -7.66 -5.55
CA PRO B 44 12.45 -6.72 -6.13
C PRO B 44 13.18 -7.29 -7.35
N LYS B 45 13.52 -6.42 -8.31
CA LYS B 45 14.32 -6.75 -9.48
C LYS B 45 15.54 -5.83 -9.53
N VAL B 46 16.74 -6.43 -9.65
CA VAL B 46 17.98 -5.67 -9.68
C VAL B 46 18.02 -4.87 -10.96
N LEU B 47 18.60 -3.67 -10.86
CA LEU B 47 18.94 -2.87 -12.02
C LEU B 47 20.47 -2.76 -12.14
N ILE B 48 21.11 -2.41 -11.02
CA ILE B 48 22.50 -2.00 -10.96
C ILE B 48 23.14 -2.66 -9.75
N TYR B 49 24.44 -3.02 -9.86
CA TYR B 49 25.26 -3.35 -8.70
C TYR B 49 26.67 -2.80 -8.94
N SER B 50 27.52 -2.90 -7.90
CA SER B 50 28.81 -2.21 -7.87
C SER B 50 28.63 -0.73 -8.22
N ALA B 51 27.47 -0.17 -7.87
CA ALA B 51 27.14 1.25 -8.02
C ALA B 51 26.94 1.68 -9.47
N SER B 52 27.52 0.93 -10.44
CA SER B 52 27.50 1.37 -11.83
C SER B 52 27.37 0.23 -12.84
N THR B 53 27.43 -1.04 -12.41
CA THR B 53 27.27 -2.12 -13.37
C THR B 53 25.79 -2.44 -13.59
N ARG B 54 25.32 -2.33 -14.83
CA ARG B 54 23.97 -2.73 -15.20
C ARG B 54 23.90 -4.26 -15.28
N HIS B 55 22.86 -4.86 -14.69
CA HIS B 55 22.61 -6.29 -14.77
C HIS B 55 22.13 -6.65 -16.17
N THR B 56 22.49 -7.85 -16.62
CA THR B 56 22.11 -8.26 -17.96
C THR B 56 20.58 -8.34 -18.01
N GLY B 57 19.99 -7.77 -19.07
CA GLY B 57 18.56 -7.79 -19.28
C GLY B 57 17.92 -6.43 -18.98
N VAL B 58 18.66 -5.54 -18.33
CA VAL B 58 18.10 -4.26 -17.92
C VAL B 58 18.25 -3.26 -19.06
N PRO B 59 17.20 -2.48 -19.44
CA PRO B 59 17.36 -1.48 -20.49
C PRO B 59 18.51 -0.52 -20.24
N ASP B 60 19.10 -0.03 -21.34
CA ASP B 60 20.23 0.88 -21.33
C ASP B 60 19.86 2.26 -20.76
N ARG B 61 18.55 2.53 -20.65
CA ARG B 61 18.02 3.77 -20.08
C ARG B 61 18.46 3.98 -18.62
N PHE B 62 18.74 2.86 -17.92
CA PHE B 62 19.14 2.89 -16.52
C PHE B 62 20.66 2.90 -16.37
N THR B 63 21.20 3.91 -15.68
CA THR B 63 22.60 3.92 -15.32
C THR B 63 22.71 4.22 -13.82
N GLY B 64 23.86 3.88 -13.25
CA GLY B 64 24.18 4.20 -11.88
C GLY B 64 25.57 4.81 -11.77
N SER B 65 25.78 5.62 -10.74
CA SER B 65 27.07 6.24 -10.52
C SER B 65 27.34 6.34 -9.02
N GLY B 66 28.58 6.74 -8.73
CA GLY B 66 28.98 7.15 -7.40
C GLY B 66 29.92 6.12 -6.76
N SER B 67 30.56 6.56 -5.69
CA SER B 67 31.55 5.77 -4.98
C SER B 67 31.83 6.48 -3.67
N GLY B 68 31.94 5.73 -2.57
CA GLY B 68 32.07 6.32 -1.26
C GLY B 68 30.76 6.34 -0.47
N THR B 69 30.05 7.47 -0.53
CA THR B 69 28.82 7.64 0.24
C THR B 69 27.64 8.08 -0.64
N ASP B 70 27.92 8.74 -1.77
CA ASP B 70 26.90 9.34 -2.60
C ASP B 70 26.73 8.51 -3.88
N PHE B 71 25.47 8.11 -4.15
CA PHE B 71 25.15 7.23 -5.27
C PHE B 71 23.92 7.76 -6.00
N THR B 72 23.92 7.61 -7.32
CA THR B 72 22.83 8.09 -8.14
C THR B 72 22.41 7.02 -9.14
N LEU B 73 21.10 6.72 -9.14
CA LEU B 73 20.44 5.97 -10.20
C LEU B 73 19.80 6.99 -11.14
N THR B 74 20.11 6.90 -12.43
CA THR B 74 19.52 7.77 -13.44
C THR B 74 18.72 6.94 -14.43
N ILE B 75 17.53 7.46 -14.74
CA ILE B 75 16.65 6.88 -15.74
C ILE B 75 16.47 7.92 -16.83
N SER B 76 17.03 7.64 -18.00
CA SER B 76 16.85 8.46 -19.18
C SER B 76 15.60 7.98 -19.92
N ASN B 77 15.02 8.84 -20.75
CA ASN B 77 13.94 8.41 -21.63
C ASN B 77 12.91 7.62 -20.82
N VAL B 78 12.46 8.18 -19.70
CA VAL B 78 11.54 7.49 -18.81
C VAL B 78 10.35 6.93 -19.58
N GLN B 79 9.99 5.69 -19.28
CA GLN B 79 8.79 5.08 -19.83
C GLN B 79 7.76 4.94 -18.71
N SER B 80 6.50 4.70 -19.05
CA SER B 80 5.46 4.66 -18.03
C SER B 80 5.66 3.43 -17.14
N GLU B 81 6.13 2.33 -17.72
CA GLU B 81 6.39 1.14 -16.92
C GLU B 81 7.45 1.43 -15.87
N ASP B 82 8.18 2.54 -15.99
CA ASP B 82 9.21 2.83 -15.00
C ASP B 82 8.64 3.57 -13.80
N LEU B 83 7.34 3.90 -13.84
CA LEU B 83 6.77 4.76 -12.81
C LEU B 83 6.41 3.90 -11.59
N THR B 84 7.42 3.58 -10.78
CA THR B 84 7.25 2.62 -9.69
C THR B 84 8.25 2.90 -8.58
N ASP B 85 8.51 1.94 -7.68
CA ASP B 85 9.42 2.12 -6.56
C ASP B 85 10.83 1.65 -6.92
N TYR B 86 11.83 2.37 -6.37
CA TYR B 86 13.25 2.09 -6.50
C TYR B 86 13.91 2.26 -5.13
N PHE B 87 14.73 1.30 -4.71
CA PHE B 87 15.52 1.49 -3.49
C PHE B 87 16.96 1.04 -3.69
N CYS B 88 17.87 1.58 -2.84
CA CYS B 88 19.26 1.15 -2.83
C CYS B 88 19.49 0.15 -1.70
N GLN B 89 20.56 -0.64 -1.84
CA GLN B 89 21.03 -1.56 -0.82
C GLN B 89 22.55 -1.42 -0.73
N GLN B 90 23.09 -1.38 0.49
CA GLN B 90 24.53 -1.47 0.68
C GLN B 90 24.86 -2.89 1.10
N TYR B 91 25.96 -3.40 0.55
CA TYR B 91 26.43 -4.73 0.89
C TYR B 91 27.94 -4.68 1.09
N SER B 92 28.43 -3.76 1.92
CA SER B 92 29.83 -3.82 2.34
C SER B 92 29.90 -4.43 3.73
N SER B 93 28.82 -4.26 4.52
CA SER B 93 28.81 -4.58 5.93
C SER B 93 27.44 -5.11 6.35
N PHE B 94 27.44 -6.05 7.31
CA PHE B 94 26.23 -6.48 7.99
C PHE B 94 25.95 -5.54 9.16
N PRO B 95 24.67 -5.31 9.56
CA PRO B 95 23.53 -5.81 8.81
C PRO B 95 23.46 -5.15 7.44
N LEU B 96 23.10 -5.92 6.40
CA LEU B 96 22.62 -5.36 5.15
C LEU B 96 21.56 -4.29 5.43
N THR B 97 21.63 -3.14 4.77
CA THR B 97 20.66 -2.08 4.98
C THR B 97 20.24 -1.47 3.63
N PHE B 98 19.08 -0.80 3.66
CA PHE B 98 18.37 -0.40 2.46
C PHE B 98 17.81 1.01 2.60
N GLY B 99 17.76 1.72 1.46
CA GLY B 99 17.01 2.96 1.39
C GLY B 99 15.54 2.68 1.66
N VAL B 100 14.80 3.76 1.93
CA VAL B 100 13.39 3.64 2.30
C VAL B 100 12.55 3.64 1.04
N GLY B 101 13.11 4.11 -0.09
CA GLY B 101 12.43 3.96 -1.37
C GLY B 101 11.96 5.29 -1.92
N THR B 102 11.87 5.33 -3.25
CA THR B 102 11.46 6.50 -4.00
C THR B 102 10.44 6.05 -5.03
N LYS B 103 9.26 6.68 -5.03
CA LYS B 103 8.22 6.39 -6.01
C LYS B 103 8.26 7.46 -7.09
N LEU B 104 8.30 7.00 -8.35
CA LEU B 104 8.25 7.87 -9.51
C LEU B 104 6.79 8.00 -9.95
N GLU B 105 6.35 9.24 -10.24
CA GLU B 105 4.97 9.55 -10.61
C GLU B 105 4.94 10.44 -11.85
N LEU B 106 3.78 10.45 -12.53
CA LEU B 106 3.68 11.11 -13.82
C LEU B 106 3.10 12.50 -13.62
N LYS B 107 3.77 13.48 -14.25
CA LYS B 107 3.29 14.85 -14.31
C LYS B 107 2.10 14.93 -15.26
N ARG B 108 1.13 15.78 -14.92
CA ARG B 108 -0.05 15.95 -15.74
C ARG B 108 -0.63 17.32 -15.40
N ALA B 109 -1.61 17.81 -16.15
CA ALA B 109 -2.21 19.11 -15.89
C ALA B 109 -2.85 19.09 -14.51
N ASP B 110 -2.89 20.25 -13.85
CA ASP B 110 -3.56 20.40 -12.57
C ASP B 110 -5.05 20.09 -12.74
N ALA B 111 -5.65 19.48 -11.70
CA ALA B 111 -7.06 19.14 -11.76
C ALA B 111 -7.62 19.26 -10.35
N ALA B 112 -8.71 20.04 -10.23
CA ALA B 112 -9.43 20.24 -9.00
C ALA B 112 -10.17 18.96 -8.61
N PRO B 113 -10.29 18.66 -7.30
CA PRO B 113 -11.06 17.48 -6.86
C PRO B 113 -12.53 17.67 -7.17
N THR B 114 -13.20 16.58 -7.56
CA THR B 114 -14.65 16.49 -7.58
C THR B 114 -15.10 15.92 -6.25
N VAL B 115 -15.77 16.75 -5.44
CA VAL B 115 -16.11 16.42 -4.07
C VAL B 115 -17.59 16.05 -3.89
N SER B 116 -17.80 15.01 -3.08
CA SER B 116 -19.13 14.53 -2.74
C SER B 116 -19.16 14.20 -1.27
N ILE B 117 -20.13 14.73 -0.50
CA ILE B 117 -20.33 14.34 0.88
C ILE B 117 -21.65 13.59 1.03
N PHE B 118 -21.60 12.55 1.88
CA PHE B 118 -22.73 11.69 2.14
C PHE B 118 -23.04 11.70 3.63
N PRO B 119 -24.29 11.94 4.01
CA PRO B 119 -24.74 11.66 5.36
C PRO B 119 -24.65 10.15 5.64
N PRO B 120 -24.69 9.75 6.90
CA PRO B 120 -24.85 8.33 7.24
C PRO B 120 -26.16 7.79 6.67
N SER B 121 -26.18 6.51 6.29
CA SER B 121 -27.42 5.85 5.87
C SER B 121 -28.31 5.61 7.08
N SER B 122 -29.63 5.47 6.86
CA SER B 122 -30.52 5.12 7.95
C SER B 122 -30.21 3.73 8.50
N GLU B 123 -29.75 2.82 7.63
CA GLU B 123 -29.36 1.50 8.11
C GLU B 123 -28.19 1.61 9.06
N GLN B 124 -27.20 2.46 8.77
CA GLN B 124 -26.11 2.59 9.72
C GLN B 124 -26.61 3.21 11.03
N LEU B 125 -27.41 4.27 10.93
CA LEU B 125 -27.92 4.94 12.12
C LEU B 125 -28.73 4.01 13.04
N THR B 126 -29.62 3.20 12.46
CA THR B 126 -30.39 2.26 13.25
C THR B 126 -29.45 1.30 13.99
N SER B 127 -28.21 1.10 13.51
CA SER B 127 -27.32 0.25 14.27
C SER B 127 -26.43 1.05 15.23
N GLY B 128 -26.69 2.37 15.34
CA GLY B 128 -26.10 3.21 16.38
C GLY B 128 -24.84 3.92 15.90
N GLY B 129 -24.55 3.87 14.60
CA GLY B 129 -23.35 4.50 14.06
C GLY B 129 -23.69 5.61 13.06
N ALA B 130 -22.75 6.56 12.90
CA ALA B 130 -22.93 7.65 11.96
C ALA B 130 -21.60 8.00 11.32
N SER B 131 -21.33 7.40 10.16
CA SER B 131 -20.14 7.71 9.40
C SER B 131 -20.53 8.70 8.30
N VAL B 132 -19.89 9.87 8.29
CA VAL B 132 -20.12 10.85 7.23
C VAL B 132 -18.93 10.72 6.30
N VAL B 133 -19.17 10.48 5.02
CA VAL B 133 -18.10 10.12 4.11
C VAL B 133 -17.96 11.21 3.06
N CYS B 134 -16.73 11.60 2.81
CA CYS B 134 -16.44 12.62 1.83
C CYS B 134 -15.43 12.07 0.83
N PHE B 135 -15.81 12.08 -0.44
CA PHE B 135 -14.92 11.70 -1.52
C PHE B 135 -14.40 12.94 -2.22
N LEU B 136 -13.10 12.89 -2.51
CA LEU B 136 -12.39 13.93 -3.24
C LEU B 136 -11.63 13.25 -4.37
N ASN B 137 -12.27 13.20 -5.51
CA ASN B 137 -11.86 12.37 -6.64
C ASN B 137 -11.23 13.17 -7.78
N ASN B 138 -10.24 12.51 -8.39
CA ASN B 138 -9.68 12.84 -9.68
C ASN B 138 -9.00 14.19 -9.63
N PHE B 139 -8.06 14.36 -8.69
CA PHE B 139 -7.33 15.61 -8.62
C PHE B 139 -5.84 15.43 -8.86
N TYR B 140 -5.16 16.57 -9.07
CA TYR B 140 -3.74 16.60 -9.36
C TYR B 140 -3.24 18.03 -9.14
N PRO B 141 -2.10 18.28 -8.43
CA PRO B 141 -1.28 17.25 -7.80
C PRO B 141 -1.82 16.57 -6.55
N LYS B 142 -1.03 15.63 -6.03
CA LYS B 142 -1.45 14.74 -4.95
C LYS B 142 -1.70 15.50 -3.66
N ASP B 143 -1.01 16.63 -3.45
CA ASP B 143 -1.04 17.32 -2.17
C ASP B 143 -2.43 17.93 -1.94
N ILE B 144 -3.09 17.55 -0.85
CA ILE B 144 -4.42 18.07 -0.57
C ILE B 144 -4.63 18.06 0.94
N ASN B 145 -5.49 18.95 1.40
CA ASN B 145 -5.83 19.04 2.81
C ASN B 145 -7.34 19.02 2.94
N VAL B 146 -7.86 18.23 3.89
CA VAL B 146 -9.29 18.13 4.09
C VAL B 146 -9.53 18.45 5.55
N LYS B 147 -10.50 19.33 5.79
CA LYS B 147 -10.93 19.67 7.13
C LYS B 147 -12.42 19.38 7.25
N TRP B 148 -12.83 18.89 8.41
CA TRP B 148 -14.24 18.70 8.71
C TRP B 148 -14.72 19.83 9.63
N LYS B 149 -15.96 20.24 9.47
CA LYS B 149 -16.60 21.10 10.46
C LYS B 149 -18.00 20.61 10.71
N ILE B 150 -18.38 20.76 11.97
CA ILE B 150 -19.70 20.49 12.47
C ILE B 150 -20.22 21.79 13.05
N ASP B 151 -21.39 22.21 12.55
CA ASP B 151 -22.01 23.47 12.94
C ASP B 151 -20.99 24.60 12.91
N GLY B 152 -20.11 24.61 11.91
CA GLY B 152 -19.15 25.69 11.71
C GLY B 152 -17.81 25.50 12.42
N SER B 153 -17.67 24.51 13.30
CA SER B 153 -16.46 24.40 14.10
C SER B 153 -15.66 23.14 13.77
N GLU B 154 -14.33 23.27 13.73
CA GLU B 154 -13.45 22.24 13.19
C GLU B 154 -13.56 20.98 14.02
N ARG B 155 -13.56 19.82 13.35
CA ARG B 155 -13.58 18.53 14.02
C ARG B 155 -12.40 17.69 13.54
N GLN B 156 -11.70 17.09 14.52
CA GLN B 156 -10.52 16.28 14.25
C GLN B 156 -10.68 14.82 14.70
N ASN B 157 -11.23 14.64 15.90
CA ASN B 157 -11.46 13.31 16.44
C ASN B 157 -12.45 12.55 15.56
N GLY B 158 -12.11 11.32 15.20
CA GLY B 158 -13.07 10.43 14.57
C GLY B 158 -12.95 10.44 13.05
N VAL B 159 -11.90 11.09 12.55
CA VAL B 159 -11.65 11.17 11.12
C VAL B 159 -10.65 10.11 10.70
N LEU B 160 -10.99 9.35 9.64
CA LEU B 160 -10.04 8.50 8.98
C LEU B 160 -9.97 8.83 7.49
N ASN B 161 -8.74 8.85 6.97
CA ASN B 161 -8.49 9.17 5.59
C ASN B 161 -7.86 8.00 4.87
N SER B 162 -8.17 7.89 3.59
CA SER B 162 -7.58 6.90 2.72
C SER B 162 -7.32 7.55 1.38
N TRP B 163 -6.21 7.19 0.72
CA TRP B 163 -5.73 7.82 -0.50
C TRP B 163 -5.42 6.74 -1.52
N THR B 164 -5.76 6.92 -2.79
CA THR B 164 -5.32 5.99 -3.82
C THR B 164 -3.93 6.41 -4.30
N ASP B 165 -3.32 5.51 -5.08
CA ASP B 165 -2.08 5.84 -5.77
C ASP B 165 -2.50 6.46 -7.09
N GLN B 166 -1.51 6.96 -7.85
CA GLN B 166 -1.80 7.63 -9.10
C GLN B 166 -2.57 6.70 -10.02
N ASP B 167 -3.61 7.23 -10.68
CA ASP B 167 -4.45 6.40 -11.53
C ASP B 167 -3.69 6.07 -12.81
N SER B 168 -3.82 4.83 -13.27
CA SER B 168 -3.05 4.35 -14.42
C SER B 168 -3.57 4.97 -15.70
N LYS B 169 -4.87 5.32 -15.71
CA LYS B 169 -5.51 5.82 -16.91
C LYS B 169 -5.37 7.35 -17.02
N ASP B 170 -5.70 8.13 -15.99
CA ASP B 170 -5.77 9.58 -16.17
C ASP B 170 -4.75 10.31 -15.31
N SER B 171 -3.95 9.58 -14.52
CA SER B 171 -2.85 10.16 -13.76
C SER B 171 -3.30 11.08 -12.63
N THR B 172 -4.56 10.93 -12.19
CA THR B 172 -5.02 11.70 -11.05
C THR B 172 -4.90 10.90 -9.75
N TYR B 173 -5.18 11.58 -8.63
CA TYR B 173 -5.26 10.96 -7.33
C TYR B 173 -6.69 11.10 -6.81
N SER B 174 -7.09 10.21 -5.88
CA SER B 174 -8.37 10.37 -5.18
C SER B 174 -8.15 10.09 -3.70
N MET B 175 -9.03 10.66 -2.90
CA MET B 175 -8.99 10.49 -1.45
C MET B 175 -10.40 10.36 -0.92
N SER B 176 -10.49 9.66 0.22
CA SER B 176 -11.73 9.52 0.95
C SER B 176 -11.43 9.97 2.38
N SER B 177 -12.37 10.67 2.99
CA SER B 177 -12.26 11.11 4.37
C SER B 177 -13.57 10.79 5.07
N THR B 178 -13.51 10.08 6.19
CA THR B 178 -14.71 9.63 6.88
C THR B 178 -14.64 10.09 8.32
N LEU B 179 -15.73 10.73 8.74
CA LEU B 179 -15.87 11.17 10.11
C LEU B 179 -16.87 10.27 10.78
N THR B 180 -16.45 9.53 11.82
CA THR B 180 -17.43 8.63 12.43
C THR B 180 -17.77 9.13 13.83
N LEU B 181 -19.09 9.15 14.11
CA LEU B 181 -19.69 9.60 15.36
C LEU B 181 -20.65 8.51 15.80
N THR B 182 -21.11 8.61 17.05
CA THR B 182 -22.28 7.85 17.45
C THR B 182 -23.51 8.51 16.83
N LYS B 183 -24.59 7.73 16.75
CA LYS B 183 -25.89 8.18 16.32
C LYS B 183 -26.31 9.35 17.20
N ASP B 184 -26.07 9.21 18.51
CA ASP B 184 -26.50 10.23 19.45
C ASP B 184 -25.73 11.53 19.22
N GLU B 185 -24.41 11.44 19.05
CA GLU B 185 -23.63 12.64 18.78
C GLU B 185 -24.09 13.32 17.48
N TYR B 186 -24.26 12.52 16.41
CA TYR B 186 -24.62 13.01 15.09
C TYR B 186 -25.89 13.84 15.18
N GLU B 187 -26.81 13.34 16.03
CA GLU B 187 -28.13 13.90 16.16
C GLU B 187 -28.19 15.18 17.00
N ARG B 188 -27.05 15.63 17.53
CA ARG B 188 -27.06 16.84 18.33
C ARG B 188 -26.72 18.04 17.45
N HIS B 189 -26.38 17.81 16.16
CA HIS B 189 -25.83 18.87 15.32
C HIS B 189 -26.63 19.01 14.05
N ASN B 190 -26.49 20.19 13.40
CA ASN B 190 -27.26 20.54 12.21
C ASN B 190 -26.43 20.36 10.93
N SER B 191 -25.23 20.95 10.89
CA SER B 191 -24.49 21.17 9.67
C SER B 191 -23.21 20.33 9.67
N TYR B 192 -22.92 19.65 8.53
CA TYR B 192 -21.73 18.83 8.39
C TYR B 192 -21.05 19.22 7.09
N THR B 193 -19.79 19.60 7.18
CA THR B 193 -19.03 20.15 6.08
C THR B 193 -17.69 19.44 5.92
N CYS B 194 -17.39 19.12 4.66
CA CYS B 194 -16.10 18.67 4.23
C CYS B 194 -15.44 19.79 3.42
N GLU B 195 -14.27 20.28 3.85
CA GLU B 195 -13.60 21.36 3.13
C GLU B 195 -12.25 20.89 2.62
N ALA B 196 -11.96 21.16 1.35
CA ALA B 196 -10.70 20.74 0.75
C ALA B 196 -9.90 21.94 0.24
N THR B 197 -8.60 22.01 0.61
CA THR B 197 -7.70 22.98 0.03
C THR B 197 -6.68 22.25 -0.84
N HIS B 198 -6.56 22.75 -2.06
CA HIS B 198 -5.76 22.19 -3.11
C HIS B 198 -5.23 23.37 -3.93
N LYS B 199 -4.09 23.22 -4.59
CA LYS B 199 -3.47 24.37 -5.23
C LYS B 199 -4.30 24.89 -6.41
N THR B 200 -5.29 24.12 -6.89
CA THR B 200 -6.13 24.59 -7.98
C THR B 200 -7.09 25.73 -7.59
N SER B 201 -7.25 26.03 -6.30
CA SER B 201 -8.20 27.06 -5.88
C SER B 201 -7.62 27.83 -4.70
N THR B 202 -7.83 29.16 -4.66
CA THR B 202 -7.35 29.95 -3.55
C THR B 202 -8.35 29.85 -2.38
N SER B 203 -9.63 29.63 -2.69
CA SER B 203 -10.66 29.34 -1.71
C SER B 203 -10.81 27.83 -1.49
N PRO B 204 -11.12 27.31 -0.28
CA PRO B 204 -11.47 25.90 -0.12
C PRO B 204 -12.69 25.49 -0.94
N ILE B 205 -12.67 24.26 -1.46
CA ILE B 205 -13.89 23.63 -1.96
C ILE B 205 -14.66 23.13 -0.76
N VAL B 206 -15.94 23.49 -0.68
CA VAL B 206 -16.79 23.21 0.47
C VAL B 206 -17.99 22.41 -0.03
N LYS B 207 -18.19 21.23 0.55
CA LYS B 207 -19.45 20.52 0.35
C LYS B 207 -20.05 20.24 1.70
N SER B 208 -21.37 20.30 1.77
CA SER B 208 -22.02 20.38 3.06
C SER B 208 -23.44 19.85 2.96
N PHE B 209 -24.02 19.52 4.12
CA PHE B 209 -25.45 19.28 4.22
C PHE B 209 -25.90 19.68 5.62
N ASN B 210 -27.20 19.83 5.74
CA ASN B 210 -27.86 20.10 6.97
C ASN B 210 -28.87 19.00 7.24
N ARG B 211 -28.93 18.52 8.49
CA ARG B 211 -29.97 17.60 8.91
C ARG B 211 -31.30 18.35 9.08
N SER C 5 31.47 -13.37 1.95
CA SER C 5 31.41 -14.51 1.02
C SER C 5 32.72 -15.27 0.87
N THR C 6 32.57 -16.52 0.40
CA THR C 6 33.70 -17.46 0.32
#